data_5DZQ
#
_entry.id   5DZQ
#
_cell.length_a   61.073
_cell.length_b   76.002
_cell.length_c   89.367
_cell.angle_alpha   90.00
_cell.angle_beta   90.00
_cell.angle_gamma   90.00
#
_symmetry.space_group_name_H-M   'P 21 21 21'
#
loop_
_entity.id
_entity.type
_entity.pdbx_description
1 polymer 'Toxin-like protein'
2 non-polymer 'MAGNESIUM ION'
3 non-polymer GLYCEROL
4 water water
#
_entity_poly.entity_id   1
_entity_poly.type   'polypeptide(L)'
_entity_poly.pdbx_seq_one_letter_code
;MGSSHHHHHHSSGENLYFQGSHMVGEKEYKAWEKKLRANEKELVKEYTANAKPFNTYLRANEGKLGFKPEIDKKILKLDE
ALKKSKLSETVQVYRGDDTSIFGKEFQNSIYQGNKVNRELFRKLRDEYQGKIRTEYGYLSTSIVSNQQFAMRPVLTTLKV
PKGAHAGYVDKISQYKGQYELLLPRNTKYKIDKMYIIVNKGSETIKIEATVQP
;
_entity_poly.pdbx_strand_id   A,O
#
loop_
_chem_comp.id
_chem_comp.type
_chem_comp.name
_chem_comp.formula
GOL non-polymer GLYCEROL 'C3 H8 O3'
MG non-polymer 'MAGNESIUM ION' 'Mg 2'
#
# COMPACT_ATOMS: atom_id res chain seq x y z
N ALA A 31 -11.06 -23.14 -10.41
CA ALA A 31 -11.54 -23.32 -11.78
C ALA A 31 -12.85 -22.57 -11.97
N TRP A 32 -13.01 -21.48 -11.21
CA TRP A 32 -14.17 -20.60 -11.29
C TRP A 32 -14.07 -19.74 -12.55
N GLU A 33 -12.87 -19.67 -13.10
CA GLU A 33 -12.57 -18.87 -14.27
C GLU A 33 -13.45 -19.23 -15.47
N LYS A 34 -13.93 -20.47 -15.50
CA LYS A 34 -14.76 -20.94 -16.60
C LYS A 34 -16.02 -20.10 -16.80
N LYS A 35 -16.62 -19.65 -15.69
CA LYS A 35 -17.90 -18.97 -15.75
C LYS A 35 -17.79 -17.51 -16.19
N LEU A 36 -16.57 -16.98 -16.18
CA LEU A 36 -16.36 -15.56 -16.48
C LEU A 36 -16.34 -15.29 -17.98
N ARG A 37 -16.98 -14.20 -18.39
CA ARG A 37 -16.85 -13.72 -19.76
C ARG A 37 -15.43 -13.20 -19.95
N ALA A 38 -15.08 -12.87 -21.18
CA ALA A 38 -13.73 -12.42 -21.50
C ALA A 38 -13.36 -11.14 -20.74
N ASN A 39 -14.16 -10.09 -20.91
CA ASN A 39 -13.84 -8.80 -20.28
C ASN A 39 -13.96 -8.84 -18.76
N GLU A 40 -14.72 -9.79 -18.23
CA GLU A 40 -14.79 -9.96 -16.78
C GLU A 40 -13.47 -10.47 -16.23
N LYS A 41 -12.84 -11.39 -16.95
CA LYS A 41 -11.51 -11.89 -16.56
C LYS A 41 -10.51 -10.75 -16.62
N GLU A 42 -10.61 -9.95 -17.68
CA GLU A 42 -9.71 -8.83 -17.90
C GLU A 42 -9.81 -7.78 -16.79
N LEU A 43 -11.03 -7.53 -16.32
CA LEU A 43 -11.19 -6.56 -15.24
C LEU A 43 -10.68 -7.08 -13.92
N VAL A 44 -10.90 -8.37 -13.64
CA VAL A 44 -10.32 -8.98 -12.44
C VAL A 44 -8.81 -8.79 -12.51
N LYS A 45 -8.25 -8.98 -13.70
CA LYS A 45 -6.82 -8.75 -13.94
C LYS A 45 -6.42 -7.31 -13.64
N GLU A 46 -7.18 -6.35 -14.16
CA GLU A 46 -6.89 -4.93 -13.94
C GLU A 46 -6.94 -4.54 -12.45
N TYR A 47 -7.87 -5.12 -11.70
CA TYR A 47 -7.96 -4.85 -10.27
C TYR A 47 -6.69 -5.38 -9.60
N THR A 48 -6.26 -6.55 -10.01
CA THR A 48 -5.02 -7.15 -9.52
C THR A 48 -3.82 -6.22 -9.72
N ALA A 49 -3.67 -5.70 -10.94
CA ALA A 49 -2.51 -4.88 -11.29
C ALA A 49 -2.48 -3.54 -10.54
N ASN A 50 -3.67 -3.00 -10.25
CA ASN A 50 -3.75 -1.73 -9.54
C ASN A 50 -5.09 -1.58 -8.81
N ALA A 51 -5.18 -2.18 -7.63
CA ALA A 51 -6.41 -2.19 -6.86
C ALA A 51 -6.62 -0.90 -6.10
N LYS A 52 -5.52 -0.19 -5.86
CA LYS A 52 -5.58 0.99 -5.01
C LYS A 52 -6.52 2.08 -5.54
N PRO A 53 -6.55 2.33 -6.87
CA PRO A 53 -7.50 3.34 -7.34
C PRO A 53 -8.95 2.96 -7.11
N PHE A 54 -9.30 1.69 -7.35
CA PHE A 54 -10.65 1.21 -7.08
C PHE A 54 -11.03 1.43 -5.63
N ASN A 55 -10.24 0.86 -4.72
CA ASN A 55 -10.60 0.88 -3.33
C ASN A 55 -10.54 2.28 -2.71
N THR A 56 -9.58 3.10 -3.12
CA THR A 56 -9.51 4.47 -2.62
C THR A 56 -10.77 5.24 -3.03
N TYR A 57 -11.12 5.13 -4.30
CA TYR A 57 -12.35 5.72 -4.82
C TYR A 57 -13.56 5.29 -4.01
N LEU A 58 -13.67 3.99 -3.78
CA LEU A 58 -14.84 3.45 -3.12
C LEU A 58 -14.94 3.92 -1.68
N ARG A 59 -13.81 3.92 -0.99
CA ARG A 59 -13.79 4.38 0.39
C ARG A 59 -14.09 5.88 0.49
N ALA A 60 -13.57 6.66 -0.45
CA ALA A 60 -13.76 8.11 -0.43
C ALA A 60 -15.19 8.49 -0.71
N ASN A 61 -15.92 7.61 -1.39
CA ASN A 61 -17.30 7.87 -1.74
C ASN A 61 -18.27 7.02 -0.94
N GLU A 62 -17.76 6.44 0.13
CA GLU A 62 -18.52 5.59 1.05
C GLU A 62 -19.35 4.53 0.31
N GLY A 63 -18.74 3.97 -0.73
CA GLY A 63 -19.32 2.83 -1.42
C GLY A 63 -20.43 3.18 -2.40
N LYS A 64 -20.67 4.48 -2.57
CA LYS A 64 -21.71 4.91 -3.49
C LYS A 64 -21.09 5.32 -4.81
N LEU A 65 -21.67 4.83 -5.90
CA LEU A 65 -21.41 5.38 -7.23
C LEU A 65 -22.42 6.51 -7.38
N GLY A 66 -22.16 7.49 -8.26
CA GLY A 66 -21.00 7.53 -9.11
C GLY A 66 -20.45 8.91 -9.35
N PHE A 67 -19.52 9.28 -8.48
CA PHE A 67 -18.78 10.54 -8.57
C PHE A 67 -17.92 10.60 -9.84
N LYS A 68 -17.43 9.44 -10.30
CA LYS A 68 -16.61 9.37 -11.51
C LYS A 68 -17.06 8.23 -12.41
N PRO A 69 -17.86 8.56 -13.44
CA PRO A 69 -18.58 7.62 -14.30
C PRO A 69 -17.72 6.53 -14.94
N GLU A 70 -16.51 6.84 -15.36
CA GLU A 70 -15.69 5.86 -16.06
C GLU A 70 -15.22 4.75 -15.14
N ILE A 71 -14.89 5.08 -13.90
CA ILE A 71 -14.50 4.06 -12.94
C ILE A 71 -15.73 3.23 -12.55
N ASP A 72 -16.89 3.88 -12.51
CA ASP A 72 -18.10 3.19 -12.07
C ASP A 72 -18.47 2.05 -13.00
N LYS A 73 -18.22 2.24 -14.30
CA LYS A 73 -18.56 1.21 -15.28
C LYS A 73 -17.73 -0.05 -15.05
N LYS A 74 -16.45 0.13 -14.69
CA LYS A 74 -15.58 -1.00 -14.38
C LYS A 74 -16.03 -1.68 -13.10
N ILE A 75 -16.37 -0.87 -12.10
CA ILE A 75 -16.77 -1.40 -10.80
C ILE A 75 -18.02 -2.28 -10.96
N LEU A 76 -18.98 -1.82 -11.76
CA LEU A 76 -20.20 -2.59 -11.99
C LEU A 76 -19.93 -3.94 -12.66
N LYS A 77 -19.01 -3.94 -13.62
CA LYS A 77 -18.62 -5.16 -14.30
C LYS A 77 -17.96 -6.14 -13.32
N LEU A 78 -17.08 -5.61 -12.47
CA LEU A 78 -16.40 -6.44 -11.48
C LEU A 78 -17.38 -7.01 -10.46
N ASP A 79 -18.36 -6.20 -10.06
CA ASP A 79 -19.43 -6.66 -9.17
C ASP A 79 -20.13 -7.86 -9.76
N GLU A 80 -20.35 -7.84 -11.07
CA GLU A 80 -21.07 -8.92 -11.74
C GLU A 80 -20.26 -10.19 -11.73
N ALA A 81 -18.97 -10.06 -12.01
CA ALA A 81 -18.06 -11.18 -12.05
C ALA A 81 -18.04 -11.93 -10.72
N LEU A 82 -18.03 -11.19 -9.63
CA LEU A 82 -17.92 -11.78 -8.30
C LEU A 82 -19.20 -12.51 -7.89
N LYS A 83 -20.34 -12.05 -8.41
CA LYS A 83 -21.62 -12.69 -8.14
C LYS A 83 -21.72 -14.06 -8.77
N LYS A 84 -20.82 -14.36 -9.71
CA LYS A 84 -20.85 -15.63 -10.42
C LYS A 84 -20.16 -16.76 -9.67
N SER A 85 -19.55 -16.43 -8.53
CA SER A 85 -18.88 -17.41 -7.69
C SER A 85 -19.60 -17.59 -6.37
N LYS A 86 -19.43 -18.76 -5.75
CA LYS A 86 -20.10 -19.06 -4.50
C LYS A 86 -19.28 -20.04 -3.67
N LEU A 87 -18.96 -19.67 -2.42
CA LEU A 87 -18.26 -20.61 -1.54
C LEU A 87 -19.13 -21.82 -1.24
N SER A 88 -18.56 -23.00 -1.43
CA SER A 88 -19.29 -24.24 -1.19
C SER A 88 -19.18 -24.63 0.30
N GLU A 89 -18.28 -23.97 1.01
CA GLU A 89 -18.06 -24.21 2.43
C GLU A 89 -17.48 -22.99 3.07
N THR A 90 -17.66 -22.88 4.39
CA THR A 90 -17.14 -21.77 5.14
C THR A 90 -15.62 -21.86 5.20
N VAL A 91 -14.92 -20.74 5.06
CA VAL A 91 -13.46 -20.78 5.11
C VAL A 91 -12.97 -19.65 5.96
N GLN A 92 -11.73 -19.79 6.43
CA GLN A 92 -11.03 -18.75 7.17
C GLN A 92 -10.01 -18.09 6.28
N VAL A 93 -9.99 -16.76 6.27
CA VAL A 93 -9.03 -16.02 5.46
C VAL A 93 -8.43 -14.95 6.36
N TYR A 94 -7.41 -14.26 5.86
CA TYR A 94 -6.81 -13.20 6.66
C TYR A 94 -6.26 -12.10 5.78
N ARG A 95 -6.03 -10.94 6.36
CA ARG A 95 -5.25 -9.90 5.70
C ARG A 95 -4.58 -9.02 6.75
N GLY A 96 -3.41 -8.50 6.39
CA GLY A 96 -2.71 -7.54 7.24
C GLY A 96 -3.09 -6.14 6.80
N ASP A 97 -2.98 -5.18 7.72
CA ASP A 97 -3.30 -3.78 7.40
C ASP A 97 -2.37 -2.86 8.15
N ASP A 98 -2.18 -1.65 7.62
CA ASP A 98 -1.50 -0.60 8.35
C ASP A 98 -2.53 0.06 9.30
N THR A 99 -2.09 0.98 10.14
CA THR A 99 -3.01 1.48 11.15
C THR A 99 -3.91 2.61 10.63
N SER A 100 -3.78 2.93 9.34
CA SER A 100 -4.62 3.98 8.76
C SER A 100 -6.09 3.56 8.75
N ILE A 101 -6.35 2.26 8.89
CA ILE A 101 -7.73 1.80 8.91
C ILE A 101 -8.48 2.31 10.15
N PHE A 102 -7.74 2.82 11.13
CA PHE A 102 -8.38 3.31 12.35
C PHE A 102 -8.66 4.81 12.32
N GLY A 103 -8.32 5.49 11.22
CA GLY A 103 -8.60 6.91 11.08
C GLY A 103 -7.46 7.78 11.57
N LYS A 104 -7.46 9.05 11.19
CA LYS A 104 -6.32 9.92 11.45
C LYS A 104 -6.04 10.12 12.93
N GLU A 105 -7.04 9.99 13.79
CA GLU A 105 -6.83 10.34 15.19
C GLU A 105 -6.18 9.18 15.95
N PHE A 106 -6.24 7.98 15.39
CA PHE A 106 -5.61 6.79 15.99
C PHE A 106 -4.35 6.33 15.24
N GLN A 107 -4.26 6.60 13.94
CA GLN A 107 -3.31 5.86 13.10
C GLN A 107 -1.87 6.07 13.55
N ASN A 108 -1.56 7.28 14.02
CA ASN A 108 -0.18 7.58 14.39
C ASN A 108 0.04 7.69 15.90
N SER A 109 -0.94 7.27 16.69
CA SER A 109 -0.82 7.34 18.13
C SER A 109 -1.08 6.01 18.80
N ILE A 110 -1.64 5.06 18.05
CA ILE A 110 -1.99 3.77 18.66
C ILE A 110 -0.71 3.00 19.08
N TYR A 111 0.42 3.21 18.40
CA TYR A 111 1.71 2.65 18.83
C TYR A 111 2.60 3.71 19.48
N GLN A 112 3.19 3.36 20.61
CA GLN A 112 4.19 4.19 21.28
C GLN A 112 5.24 3.27 21.88
N GLY A 113 6.52 3.54 21.63
CA GLY A 113 7.60 2.73 22.17
C GLY A 113 7.59 1.27 21.75
N ASN A 114 7.12 1.03 20.53
CA ASN A 114 7.03 -0.30 19.93
C ASN A 114 5.92 -1.13 20.56
N LYS A 115 5.05 -0.48 21.34
CA LYS A 115 3.93 -1.16 21.96
C LYS A 115 2.59 -0.48 21.69
N VAL A 116 1.52 -1.26 21.73
CA VAL A 116 0.19 -0.67 21.55
C VAL A 116 -0.14 0.11 22.80
N ASN A 117 -0.57 1.36 22.66
CA ASN A 117 -1.00 2.14 23.82
C ASN A 117 -2.28 1.55 24.36
N ARG A 118 -2.26 1.09 25.61
CA ARG A 118 -3.37 0.30 26.14
C ARG A 118 -4.62 1.15 26.31
N GLU A 119 -4.44 2.41 26.71
CA GLU A 119 -5.59 3.28 26.92
C GLU A 119 -6.28 3.59 25.60
N LEU A 120 -5.49 3.88 24.58
CA LEU A 120 -6.07 4.12 23.26
C LEU A 120 -6.67 2.85 22.68
N PHE A 121 -6.06 1.70 22.97
CA PHE A 121 -6.64 0.45 22.48
C PHE A 121 -8.01 0.17 23.11
N ARG A 122 -8.17 0.54 24.38
CA ARG A 122 -9.47 0.40 25.03
C ARG A 122 -10.52 1.19 24.25
N LYS A 123 -10.17 2.41 23.84
CA LYS A 123 -11.12 3.24 23.10
C LYS A 123 -11.41 2.63 21.75
N LEU A 124 -10.38 2.14 21.09
CA LEU A 124 -10.53 1.55 19.76
C LEU A 124 -11.41 0.31 19.82
N ARG A 125 -11.15 -0.53 20.82
CA ARG A 125 -11.97 -1.70 21.05
C ARG A 125 -13.43 -1.31 21.33
N ASP A 126 -13.63 -0.27 22.14
CA ASP A 126 -14.98 0.21 22.42
C ASP A 126 -15.67 0.67 21.14
N GLU A 127 -14.89 1.21 20.21
CA GLU A 127 -15.47 1.77 18.99
C GLU A 127 -15.85 0.68 17.99
N TYR A 128 -15.15 -0.44 18.01
CA TYR A 128 -15.30 -1.45 16.96
C TYR A 128 -15.79 -2.83 17.39
N GLN A 129 -15.42 -3.27 18.59
CA GLN A 129 -15.73 -4.65 18.95
C GLN A 129 -17.24 -4.90 19.10
N GLY A 130 -17.70 -6.00 18.52
CA GLY A 130 -19.10 -6.35 18.61
C GLY A 130 -19.95 -5.72 17.53
N LYS A 131 -19.37 -4.83 16.75
CA LYS A 131 -20.14 -4.08 15.76
C LYS A 131 -20.01 -4.63 14.34
N ILE A 132 -21.05 -4.41 13.54
CA ILE A 132 -21.02 -4.74 12.13
C ILE A 132 -20.49 -3.56 11.34
N ARG A 133 -19.39 -3.78 10.62
CA ARG A 133 -18.76 -2.78 9.78
C ARG A 133 -18.96 -3.11 8.31
N THR A 134 -18.93 -2.07 7.47
CA THR A 134 -18.98 -2.25 6.03
C THR A 134 -17.61 -1.88 5.46
N GLU A 135 -17.03 -2.78 4.66
CA GLU A 135 -15.81 -2.43 3.91
C GLU A 135 -16.24 -1.93 2.54
N TYR A 136 -15.98 -0.65 2.27
CA TYR A 136 -16.42 -0.06 1.01
C TYR A 136 -15.65 -0.55 -0.21
N GLY A 137 -14.36 -0.84 -0.04
CA GLY A 137 -13.56 -1.32 -1.15
C GLY A 137 -13.82 -2.80 -1.38
N TYR A 138 -13.25 -3.37 -2.44
CA TYR A 138 -13.25 -4.82 -2.56
C TYR A 138 -12.36 -5.37 -1.46
N LEU A 139 -12.59 -6.61 -1.06
CA LEU A 139 -11.92 -7.12 0.12
C LEU A 139 -11.06 -8.30 -0.25
N SER A 140 -9.76 -8.03 -0.47
CA SER A 140 -8.79 -9.05 -0.84
C SER A 140 -8.29 -9.76 0.39
N THR A 141 -8.25 -11.09 0.36
CA THR A 141 -7.81 -11.84 1.55
C THR A 141 -6.91 -12.99 1.18
N SER A 142 -6.12 -13.47 2.14
CA SER A 142 -5.20 -14.56 1.87
C SER A 142 -5.65 -15.81 2.62
N ILE A 143 -5.22 -16.96 2.12
CA ILE A 143 -5.52 -18.22 2.77
C ILE A 143 -4.24 -18.79 3.37
N VAL A 144 -4.31 -19.22 4.63
CA VAL A 144 -3.15 -19.84 5.26
C VAL A 144 -2.90 -21.25 4.71
N SER A 145 -1.71 -21.47 4.17
CA SER A 145 -1.25 -22.81 3.88
C SER A 145 -0.22 -23.18 4.95
N ASN A 146 1.02 -22.81 4.65
CA ASN A 146 2.19 -23.09 5.47
C ASN A 146 2.42 -21.97 6.47
N GLN A 147 2.10 -20.77 6.03
CA GLN A 147 2.48 -19.56 6.73
C GLN A 147 1.36 -18.57 6.78
N GLN A 148 1.40 -17.72 7.80
CA GLN A 148 0.54 -16.55 7.87
C GLN A 148 1.44 -15.34 7.98
N PHE A 149 1.40 -14.45 6.98
CA PHE A 149 2.29 -13.30 6.97
C PHE A 149 1.66 -12.15 7.74
N ALA A 150 2.16 -11.91 8.95
CA ALA A 150 1.53 -10.97 9.88
C ALA A 150 2.52 -9.92 10.37
N MET A 151 3.37 -9.42 9.48
N MET A 151 3.37 -9.44 9.47
CA MET A 151 4.35 -8.40 9.85
CA MET A 151 4.35 -8.41 9.81
C MET A 151 3.71 -7.02 9.97
C MET A 151 3.66 -7.06 10.02
N ARG A 152 2.57 -6.83 9.30
CA ARG A 152 1.85 -5.55 9.42
C ARG A 152 1.24 -5.45 10.84
N PRO A 153 1.03 -4.23 11.32
CA PRO A 153 0.62 -4.11 12.72
C PRO A 153 -0.78 -4.60 13.01
N VAL A 154 -1.62 -4.61 11.98
CA VAL A 154 -2.97 -5.14 12.14
C VAL A 154 -3.09 -6.43 11.38
N LEU A 155 -3.74 -7.41 12.01
CA LEU A 155 -3.98 -8.69 11.38
C LEU A 155 -5.43 -9.03 11.60
N THR A 156 -6.17 -9.17 10.51
CA THR A 156 -7.61 -9.49 10.60
C THR A 156 -7.84 -10.90 10.08
N THR A 157 -8.55 -11.73 10.84
CA THR A 157 -8.94 -13.03 10.28
C THR A 157 -10.45 -12.96 10.14
N LEU A 158 -10.97 -13.49 9.03
CA LEU A 158 -12.39 -13.49 8.75
C LEU A 158 -12.93 -14.88 8.50
N LYS A 159 -14.05 -15.19 9.13
CA LYS A 159 -14.83 -16.38 8.78
C LYS A 159 -15.79 -16.00 7.64
N VAL A 160 -15.62 -16.64 6.49
CA VAL A 160 -16.46 -16.35 5.34
C VAL A 160 -17.44 -17.50 5.13
N PRO A 161 -18.75 -17.22 5.25
CA PRO A 161 -19.74 -18.31 5.31
C PRO A 161 -19.95 -19.02 3.99
N LYS A 162 -20.27 -20.31 4.08
CA LYS A 162 -20.82 -21.05 2.96
C LYS A 162 -21.90 -20.24 2.26
N GLY A 163 -21.81 -20.15 0.94
CA GLY A 163 -22.84 -19.50 0.15
C GLY A 163 -22.49 -18.06 -0.21
N ALA A 164 -21.44 -17.54 0.41
CA ALA A 164 -20.98 -16.18 0.14
C ALA A 164 -20.42 -16.06 -1.28
N HIS A 165 -20.73 -14.94 -1.95
CA HIS A 165 -20.03 -14.59 -3.17
C HIS A 165 -18.59 -14.26 -2.80
N ALA A 166 -17.65 -14.86 -3.51
CA ALA A 166 -16.23 -14.66 -3.28
C ALA A 166 -15.49 -15.40 -4.37
N GLY A 167 -14.59 -14.71 -5.06
CA GLY A 167 -13.86 -15.30 -6.16
C GLY A 167 -12.40 -15.54 -5.84
N TYR A 168 -11.87 -16.67 -6.31
CA TYR A 168 -10.45 -16.97 -6.16
C TYR A 168 -9.66 -16.38 -7.31
N VAL A 169 -8.65 -15.56 -7.00
CA VAL A 169 -7.81 -14.95 -8.03
C VAL A 169 -6.30 -15.12 -7.80
N ASP A 170 -5.50 -14.76 -8.80
CA ASP A 170 -4.06 -14.87 -8.69
C ASP A 170 -3.45 -13.74 -7.88
N GLN A 178 -0.46 -19.79 -5.56
CA GLN A 178 -0.68 -18.81 -4.51
C GLN A 178 -1.82 -17.87 -4.87
N TYR A 179 -3.02 -18.21 -4.42
CA TYR A 179 -4.21 -17.47 -4.82
C TYR A 179 -4.89 -16.76 -3.64
N GLU A 180 -5.49 -15.62 -3.93
CA GLU A 180 -6.19 -14.87 -2.91
C GLU A 180 -7.70 -14.98 -3.14
N LEU A 181 -8.44 -14.83 -2.06
CA LEU A 181 -9.89 -14.79 -2.14
C LEU A 181 -10.34 -13.35 -2.22
N LEU A 182 -11.09 -13.02 -3.26
CA LEU A 182 -11.62 -11.68 -3.43
C LEU A 182 -13.11 -11.62 -3.10
N LEU A 183 -13.44 -10.82 -2.09
CA LEU A 183 -14.82 -10.65 -1.67
C LEU A 183 -15.40 -9.39 -2.30
N PRO A 184 -16.73 -9.35 -2.48
CA PRO A 184 -17.36 -8.20 -3.12
C PRO A 184 -17.14 -6.94 -2.31
N ARG A 185 -17.24 -5.80 -2.97
CA ARG A 185 -17.26 -4.54 -2.23
C ARG A 185 -18.51 -4.47 -1.35
N ASN A 186 -18.48 -3.57 -0.38
CA ASN A 186 -19.57 -3.39 0.58
C ASN A 186 -19.83 -4.67 1.37
N THR A 187 -18.81 -5.52 1.51
CA THR A 187 -18.92 -6.65 2.41
C THR A 187 -19.15 -6.18 3.84
N LYS A 188 -20.15 -6.75 4.52
CA LYS A 188 -20.37 -6.45 5.92
C LYS A 188 -19.74 -7.52 6.80
N TYR A 189 -19.07 -7.11 7.88
CA TYR A 189 -18.59 -8.13 8.81
C TYR A 189 -18.77 -7.68 10.25
N LYS A 190 -19.03 -8.64 11.13
CA LYS A 190 -19.14 -8.36 12.56
C LYS A 190 -17.78 -8.55 13.17
N ILE A 191 -17.28 -7.56 13.91
CA ILE A 191 -16.05 -7.78 14.63
C ILE A 191 -16.35 -8.55 15.92
N ASP A 192 -15.86 -9.78 16.01
CA ASP A 192 -16.22 -10.65 17.13
C ASP A 192 -15.33 -10.38 18.33
N LYS A 193 -14.07 -10.13 18.06
CA LYS A 193 -13.09 -9.99 19.13
C LYS A 193 -11.94 -9.14 18.62
N MET A 194 -11.36 -8.33 19.50
CA MET A 194 -10.17 -7.55 19.16
C MET A 194 -9.24 -7.61 20.33
N TYR A 195 -7.98 -7.90 20.06
CA TYR A 195 -7.04 -7.93 21.18
C TYR A 195 -5.64 -7.72 20.70
N ILE A 196 -4.74 -7.51 21.65
CA ILE A 196 -3.33 -7.29 21.37
C ILE A 196 -2.56 -8.60 21.51
N ILE A 197 -1.88 -9.03 20.45
CA ILE A 197 -1.00 -10.19 20.55
C ILE A 197 0.39 -9.70 20.90
N VAL A 198 0.92 -10.15 22.03
CA VAL A 198 2.24 -9.74 22.46
C VAL A 198 3.25 -10.75 21.93
N ASN A 199 4.06 -10.32 20.96
CA ASN A 199 5.12 -11.17 20.42
C ASN A 199 6.45 -10.89 21.08
N LYS A 200 7.47 -11.69 20.78
CA LYS A 200 8.83 -11.48 21.31
C LYS A 200 9.34 -10.06 21.14
N GLY A 201 9.09 -9.46 19.99
CA GLY A 201 9.72 -8.21 19.63
C GLY A 201 8.79 -7.18 19.04
N SER A 202 7.48 -7.41 19.21
CA SER A 202 6.49 -6.52 18.63
C SER A 202 5.14 -6.83 19.25
N GLU A 203 4.17 -5.97 18.98
CA GLU A 203 2.78 -6.25 19.32
C GLU A 203 1.88 -6.08 18.10
N THR A 204 0.92 -6.98 17.95
CA THR A 204 0.05 -7.01 16.80
C THR A 204 -1.39 -6.77 17.24
N ILE A 205 -2.11 -5.89 16.53
CA ILE A 205 -3.52 -5.72 16.81
C ILE A 205 -4.31 -6.78 16.05
N LYS A 206 -5.00 -7.65 16.77
CA LYS A 206 -5.67 -8.79 16.14
C LYS A 206 -7.16 -8.49 16.10
N ILE A 207 -7.76 -8.65 14.93
CA ILE A 207 -9.19 -8.47 14.74
C ILE A 207 -9.76 -9.78 14.21
N GLU A 208 -10.78 -10.30 14.87
CA GLU A 208 -11.40 -11.56 14.45
C GLU A 208 -12.83 -11.23 14.08
N ALA A 209 -13.19 -11.55 12.84
CA ALA A 209 -14.47 -11.09 12.28
C ALA A 209 -15.21 -12.19 11.54
N THR A 210 -16.52 -12.02 11.38
CA THR A 210 -17.35 -12.96 10.65
C THR A 210 -18.10 -12.20 9.57
N VAL A 211 -17.92 -12.61 8.32
CA VAL A 211 -18.62 -11.97 7.21
C VAL A 211 -20.11 -12.25 7.32
N GLN A 212 -20.93 -11.20 7.16
CA GLN A 212 -22.40 -11.35 7.23
C GLN A 212 -23.01 -11.73 5.87
N PRO A 213 -24.22 -12.30 5.88
CA PRO A 213 -24.92 -12.56 4.63
C PRO A 213 -25.35 -11.29 3.89
N GLU B 28 25.06 -5.45 2.97
CA GLU B 28 24.93 -4.04 3.35
C GLU B 28 23.75 -3.80 4.29
N TYR B 29 22.73 -4.64 4.18
CA TYR B 29 21.68 -4.70 5.20
C TYR B 29 22.32 -5.00 6.56
N LYS B 30 23.32 -5.88 6.54
CA LYS B 30 23.99 -6.30 7.76
C LYS B 30 24.88 -5.19 8.35
N ALA B 31 25.55 -4.45 7.48
CA ALA B 31 26.45 -3.39 7.91
C ALA B 31 25.68 -2.27 8.62
N TRP B 32 24.55 -1.90 8.05
CA TRP B 32 23.70 -0.87 8.64
C TRP B 32 23.14 -1.35 9.97
N GLU B 33 22.63 -2.58 9.98
CA GLU B 33 22.04 -3.17 11.18
C GLU B 33 23.01 -3.15 12.37
N LYS B 34 24.28 -3.38 12.09
CA LYS B 34 25.29 -3.38 13.16
C LYS B 34 25.50 -1.99 13.75
N LYS B 35 25.18 -0.97 12.97
CA LYS B 35 25.33 0.41 13.43
C LYS B 35 24.13 0.90 14.22
N LEU B 36 23.01 0.18 14.14
CA LEU B 36 21.79 0.66 14.79
C LEU B 36 21.65 0.20 16.24
N ARG B 37 21.04 1.07 17.04
CA ARG B 37 20.62 0.70 18.38
C ARG B 37 19.41 -0.23 18.28
N ALA B 38 19.11 -0.95 19.35
CA ALA B 38 17.98 -1.88 19.34
C ALA B 38 16.66 -1.17 19.03
N ASN B 39 16.48 0.04 19.56
CA ASN B 39 15.22 0.76 19.38
C ASN B 39 15.10 1.31 17.96
N GLU B 40 16.24 1.58 17.33
CA GLU B 40 16.29 2.07 15.95
C GLU B 40 15.90 0.98 14.97
N LYS B 41 16.38 -0.24 15.23
CA LYS B 41 16.00 -1.38 14.38
C LYS B 41 14.50 -1.63 14.45
N GLU B 42 13.95 -1.60 15.67
CA GLU B 42 12.52 -1.77 15.88
C GLU B 42 11.73 -0.73 15.12
N LEU B 43 12.19 0.52 15.22
CA LEU B 43 11.51 1.62 14.59
C LEU B 43 11.55 1.53 13.06
N VAL B 44 12.69 1.13 12.51
CA VAL B 44 12.79 0.97 11.06
C VAL B 44 11.80 -0.10 10.58
N LYS B 45 11.72 -1.20 11.32
CA LYS B 45 10.75 -2.24 10.99
C LYS B 45 9.31 -1.77 11.19
N GLU B 46 9.09 -0.97 12.23
CA GLU B 46 7.75 -0.39 12.46
C GLU B 46 7.31 0.40 11.24
N TYR B 47 8.18 1.28 10.77
CA TYR B 47 7.94 2.09 9.57
C TYR B 47 7.65 1.21 8.36
N THR B 48 8.53 0.26 8.08
CA THR B 48 8.42 -0.48 6.81
C THR B 48 7.09 -1.25 6.77
N ALA B 49 6.61 -1.68 7.93
CA ALA B 49 5.35 -2.45 8.00
C ALA B 49 4.11 -1.55 8.12
N ASN B 50 4.31 -0.27 8.39
CA ASN B 50 3.19 0.64 8.66
C ASN B 50 3.51 1.98 7.99
N ALA B 51 3.97 1.93 6.75
CA ALA B 51 4.54 3.13 6.12
C ALA B 51 3.52 4.24 5.82
N LYS B 52 2.33 3.86 5.35
CA LYS B 52 1.36 4.86 4.91
C LYS B 52 1.02 5.95 5.96
N PRO B 53 0.73 5.57 7.22
CA PRO B 53 0.41 6.64 8.16
C PRO B 53 1.55 7.64 8.42
N PHE B 54 2.80 7.16 8.45
CA PHE B 54 3.96 8.04 8.51
C PHE B 54 3.98 8.99 7.30
N ASN B 55 3.87 8.41 6.12
CA ASN B 55 4.03 9.23 4.91
C ASN B 55 2.86 10.15 4.62
N THR B 56 1.64 9.75 4.98
CA THR B 56 0.52 10.66 4.74
C THR B 56 0.65 11.85 5.72
N TYR B 57 1.14 11.61 6.93
CA TYR B 57 1.41 12.71 7.86
C TYR B 57 2.45 13.68 7.31
N LEU B 58 3.54 13.14 6.78
CA LEU B 58 4.63 13.97 6.26
C LEU B 58 4.17 14.77 5.03
N ARG B 59 3.43 14.12 4.15
CA ARG B 59 2.95 14.78 2.93
C ARG B 59 1.91 15.85 3.25
N ALA B 60 1.07 15.60 4.26
CA ALA B 60 0.02 16.54 4.58
C ALA B 60 0.62 17.89 4.97
N ASN B 61 1.78 17.86 5.62
CA ASN B 61 2.39 19.06 6.15
C ASN B 61 3.65 19.48 5.38
N GLU B 62 3.78 18.94 4.17
CA GLU B 62 4.89 19.29 3.27
C GLU B 62 6.22 19.08 3.97
N GLY B 63 6.33 17.97 4.69
CA GLY B 63 7.60 17.56 5.26
C GLY B 63 8.02 18.33 6.49
N LYS B 64 7.13 19.17 7.03
CA LYS B 64 7.44 19.93 8.21
C LYS B 64 6.84 19.27 9.44
N LEU B 65 7.57 19.28 10.55
CA LEU B 65 7.08 18.64 11.78
C LEU B 65 6.45 19.68 12.72
N GLY B 66 5.88 19.21 13.82
CA GLY B 66 5.32 20.10 14.83
C GLY B 66 3.82 19.95 14.93
N PHE B 67 3.24 19.13 14.07
CA PHE B 67 1.79 19.01 13.99
C PHE B 67 1.26 17.91 14.90
N LYS B 68 1.94 16.77 14.95
CA LYS B 68 1.63 15.75 15.97
C LYS B 68 2.93 15.38 16.69
N PRO B 69 3.18 16.02 17.84
CA PRO B 69 4.47 15.90 18.53
C PRO B 69 4.89 14.47 18.85
N GLU B 70 3.93 13.56 18.97
CA GLU B 70 4.26 12.19 19.33
C GLU B 70 4.87 11.43 18.16
N ILE B 71 4.27 11.54 16.98
CA ILE B 71 4.86 10.89 15.82
C ILE B 71 6.13 11.63 15.40
N ASP B 72 6.20 12.93 15.69
CA ASP B 72 7.41 13.69 15.42
C ASP B 72 8.59 13.05 16.12
N LYS B 73 8.37 12.57 17.35
CA LYS B 73 9.43 11.92 18.12
C LYS B 73 10.02 10.72 17.36
N LYS B 74 9.14 9.88 16.80
CA LYS B 74 9.58 8.72 16.04
C LYS B 74 10.29 9.14 14.76
N ILE B 75 9.76 10.16 14.12
CA ILE B 75 10.29 10.57 12.83
C ILE B 75 11.72 11.04 13.02
N LEU B 76 11.97 11.78 14.11
CA LEU B 76 13.33 12.24 14.36
C LEU B 76 14.29 11.08 14.58
N LYS B 77 13.84 10.04 15.27
CA LYS B 77 14.67 8.87 15.49
C LYS B 77 14.91 8.10 14.19
N LEU B 78 13.87 7.97 13.37
CA LEU B 78 14.00 7.28 12.10
C LEU B 78 14.96 8.03 11.18
N ASP B 79 14.86 9.36 11.16
CA ASP B 79 15.80 10.18 10.42
C ASP B 79 17.25 9.87 10.84
N GLU B 80 17.46 9.69 12.14
CA GLU B 80 18.80 9.48 12.68
C GLU B 80 19.30 8.10 12.32
N ALA B 81 18.41 7.13 12.36
CA ALA B 81 18.73 5.77 11.95
C ALA B 81 19.24 5.77 10.51
N LEU B 82 18.50 6.44 9.63
CA LEU B 82 18.88 6.49 8.22
C LEU B 82 20.20 7.22 8.01
N LYS B 83 20.50 8.19 8.88
CA LYS B 83 21.76 8.91 8.73
C LYS B 83 22.98 8.03 9.02
N LYS B 84 22.76 6.92 9.72
CA LYS B 84 23.83 5.97 10.01
C LYS B 84 24.10 5.04 8.84
N SER B 85 23.31 5.17 7.78
CA SER B 85 23.52 4.38 6.57
C SER B 85 24.23 5.19 5.50
N LYS B 86 25.05 4.52 4.69
CA LYS B 86 25.75 5.15 3.57
C LYS B 86 25.88 4.13 2.44
N LEU B 87 25.34 4.46 1.27
CA LEU B 87 25.32 3.51 0.17
C LEU B 87 26.73 3.20 -0.29
N SER B 88 27.05 1.92 -0.47
CA SER B 88 28.42 1.51 -0.77
C SER B 88 28.81 1.79 -2.22
N GLU B 89 27.82 1.81 -3.11
CA GLU B 89 28.04 2.17 -4.50
C GLU B 89 26.77 2.76 -5.11
N THR B 90 26.89 3.36 -6.29
CA THR B 90 25.70 3.90 -6.95
C THR B 90 24.78 2.75 -7.38
N VAL B 91 23.48 2.91 -7.15
CA VAL B 91 22.53 1.85 -7.50
C VAL B 91 21.31 2.40 -8.23
N GLN B 92 20.69 1.55 -9.05
CA GLN B 92 19.40 1.87 -9.67
C GLN B 92 18.26 1.20 -8.90
N VAL B 93 17.23 1.97 -8.53
CA VAL B 93 16.07 1.38 -7.89
C VAL B 93 14.82 1.89 -8.60
N TYR B 94 13.66 1.33 -8.24
CA TYR B 94 12.42 1.72 -8.90
C TYR B 94 11.21 1.71 -7.97
N ARG B 95 10.17 2.41 -8.42
CA ARG B 95 8.87 2.58 -7.72
C ARG B 95 7.76 2.56 -8.74
N GLY B 96 6.70 1.79 -8.49
CA GLY B 96 5.48 1.95 -9.27
C GLY B 96 4.57 2.93 -8.53
N ASP B 97 3.71 3.63 -9.25
CA ASP B 97 2.74 4.51 -8.60
C ASP B 97 1.48 4.59 -9.46
N ASP B 98 0.34 4.93 -8.85
CA ASP B 98 -0.82 5.23 -9.65
C ASP B 98 -0.77 6.71 -10.01
N THR B 99 -1.72 7.15 -10.81
CA THR B 99 -1.67 8.49 -11.38
C THR B 99 -1.93 9.61 -10.36
N SER B 100 -2.35 9.24 -9.16
CA SER B 100 -2.67 10.23 -8.13
C SER B 100 -1.45 11.05 -7.72
N ILE B 101 -0.25 10.53 -7.96
CA ILE B 101 0.96 11.28 -7.63
C ILE B 101 1.10 12.56 -8.44
N PHE B 102 0.28 12.72 -9.47
CA PHE B 102 0.35 13.90 -10.35
C PHE B 102 -0.59 15.02 -9.93
N GLY B 103 -1.53 14.73 -9.04
CA GLY B 103 -2.52 15.73 -8.65
C GLY B 103 -3.86 15.58 -9.37
N LYS B 104 -4.85 16.35 -8.94
CA LYS B 104 -6.23 16.14 -9.38
C LYS B 104 -6.45 16.41 -10.86
N GLU B 105 -5.77 17.42 -11.40
CA GLU B 105 -5.98 17.79 -12.80
C GLU B 105 -5.53 16.69 -13.76
N PHE B 106 -4.46 16.01 -13.40
CA PHE B 106 -3.91 14.97 -14.27
C PHE B 106 -4.48 13.60 -13.95
N GLN B 107 -4.83 13.39 -12.68
CA GLN B 107 -5.16 12.07 -12.16
C GLN B 107 -6.15 11.28 -13.01
N ASN B 108 -7.25 11.90 -13.43
CA ASN B 108 -8.24 11.16 -14.21
C ASN B 108 -8.24 11.54 -15.69
N SER B 109 -7.42 12.51 -16.06
CA SER B 109 -7.37 12.96 -17.44
C SER B 109 -6.12 12.49 -18.20
N ILE B 110 -5.09 12.07 -17.46
CA ILE B 110 -3.82 11.69 -18.11
C ILE B 110 -3.95 10.39 -18.89
N TYR B 111 -4.91 9.55 -18.48
CA TYR B 111 -5.28 8.37 -19.25
C TYR B 111 -6.68 8.54 -19.83
N GLN B 112 -6.81 8.17 -21.10
CA GLN B 112 -8.11 8.08 -21.75
C GLN B 112 -8.33 6.63 -22.13
N GLY B 113 -9.08 5.91 -21.32
CA GLY B 113 -9.18 4.48 -21.48
C GLY B 113 -7.86 3.86 -21.08
N ASN B 114 -7.26 3.09 -21.97
CA ASN B 114 -5.99 2.43 -21.68
C ASN B 114 -4.77 3.11 -22.28
N LYS B 115 -4.97 4.28 -22.90
CA LYS B 115 -3.86 5.02 -23.49
C LYS B 115 -3.61 6.34 -22.78
N VAL B 116 -2.36 6.79 -22.79
CA VAL B 116 -2.00 8.08 -22.23
C VAL B 116 -2.48 9.21 -23.15
N ASN B 117 -3.17 10.17 -22.54
CA ASN B 117 -3.57 11.40 -23.23
C ASN B 117 -2.34 12.16 -23.73
N ARG B 118 -2.12 12.14 -25.04
CA ARG B 118 -0.88 12.67 -25.59
C ARG B 118 -0.72 14.18 -25.37
N GLU B 119 -1.78 14.94 -25.59
CA GLU B 119 -1.70 16.39 -25.40
C GLU B 119 -1.47 16.74 -23.94
N LEU B 120 -2.17 16.06 -23.04
CA LEU B 120 -2.00 16.32 -21.63
C LEU B 120 -0.65 15.83 -21.10
N PHE B 121 -0.11 14.76 -21.70
CA PHE B 121 1.18 14.27 -21.28
C PHE B 121 2.24 15.34 -21.55
N ARG B 122 2.13 15.96 -22.72
CA ARG B 122 3.00 17.06 -23.11
C ARG B 122 3.08 18.12 -22.02
N LYS B 123 1.92 18.53 -21.52
CA LYS B 123 1.83 19.51 -20.44
C LYS B 123 2.51 18.99 -19.16
N LEU B 124 2.26 17.72 -18.83
CA LEU B 124 2.85 17.13 -17.64
C LEU B 124 4.38 17.12 -17.76
N ARG B 125 4.89 16.66 -18.89
CA ARG B 125 6.32 16.56 -19.12
C ARG B 125 7.02 17.92 -19.03
N ASP B 126 6.46 18.94 -19.68
CA ASP B 126 6.99 20.30 -19.58
C ASP B 126 7.00 20.78 -18.13
N GLU B 127 5.95 20.43 -17.41
CA GLU B 127 5.83 20.80 -16.02
C GLU B 127 6.85 20.08 -15.16
N TYR B 128 7.22 18.87 -15.57
CA TYR B 128 8.03 17.98 -14.71
C TYR B 128 9.50 17.81 -15.12
N GLN B 129 9.75 17.59 -16.41
CA GLN B 129 11.08 17.19 -16.86
C GLN B 129 12.13 18.29 -16.68
N GLY B 130 13.29 17.90 -16.17
CA GLY B 130 14.40 18.82 -15.99
C GLY B 130 14.40 19.49 -14.63
N LYS B 131 13.33 19.27 -13.87
CA LYS B 131 13.14 19.97 -12.60
C LYS B 131 13.40 19.06 -11.40
N ILE B 132 13.69 19.67 -10.25
CA ILE B 132 13.96 18.92 -9.04
C ILE B 132 12.71 18.85 -8.18
N ARG B 133 12.31 17.65 -7.81
CA ARG B 133 11.14 17.44 -6.95
C ARG B 133 11.55 16.97 -5.56
N THR B 134 10.66 17.14 -4.60
CA THR B 134 10.89 16.65 -3.25
C THR B 134 9.81 15.63 -2.89
N GLU B 135 10.22 14.49 -2.37
CA GLU B 135 9.29 13.54 -1.78
C GLU B 135 9.24 13.80 -0.28
N TYR B 136 8.10 14.25 0.22
CA TYR B 136 7.95 14.56 1.63
C TYR B 136 8.01 13.33 2.54
N GLY B 137 7.42 12.23 2.10
CA GLY B 137 7.46 11.01 2.89
C GLY B 137 8.81 10.35 2.78
N TYR B 138 9.01 9.28 3.54
CA TYR B 138 10.18 8.42 3.35
C TYR B 138 10.02 7.75 2.00
N LEU B 139 11.12 7.41 1.36
CA LEU B 139 11.05 6.93 -0.01
C LEU B 139 11.51 5.47 -0.09
N SER B 140 10.54 4.55 -0.11
CA SER B 140 10.86 3.13 -0.25
C SER B 140 10.92 2.79 -1.74
N THR B 141 11.93 2.04 -2.12
CA THR B 141 12.14 1.70 -3.53
C THR B 141 12.48 0.22 -3.66
N SER B 142 12.15 -0.36 -4.83
CA SER B 142 12.42 -1.77 -5.06
C SER B 142 13.68 -1.93 -5.91
N ILE B 143 14.29 -3.09 -5.81
CA ILE B 143 15.53 -3.42 -6.50
C ILE B 143 15.26 -4.52 -7.51
N VAL B 144 15.69 -4.35 -8.75
CA VAL B 144 15.51 -5.42 -9.74
C VAL B 144 16.48 -6.56 -9.47
N SER B 145 15.93 -7.75 -9.30
CA SER B 145 16.74 -8.96 -9.35
C SER B 145 16.60 -9.54 -10.75
N ASN B 146 15.65 -10.45 -10.93
CA ASN B 146 15.37 -10.96 -12.28
C ASN B 146 14.10 -10.32 -12.83
N GLN B 147 13.41 -9.54 -12.01
CA GLN B 147 12.11 -8.95 -12.41
C GLN B 147 11.95 -7.52 -11.97
N GLN B 148 11.24 -6.75 -12.79
CA GLN B 148 10.78 -5.40 -12.42
C GLN B 148 9.26 -5.39 -12.46
N PHE B 149 8.62 -5.11 -11.32
CA PHE B 149 7.17 -5.20 -11.26
C PHE B 149 6.58 -3.83 -11.61
N ALA B 150 6.15 -3.71 -12.85
CA ALA B 150 5.78 -2.44 -13.43
C ALA B 150 4.31 -2.44 -13.89
N MET B 151 3.44 -3.02 -13.06
CA MET B 151 2.05 -3.16 -13.47
C MET B 151 1.25 -1.87 -13.22
N ARG B 152 1.72 -1.02 -12.31
CA ARG B 152 1.02 0.23 -12.05
C ARG B 152 1.30 1.20 -13.20
N PRO B 153 0.41 2.19 -13.42
CA PRO B 153 0.54 3.04 -14.61
C PRO B 153 1.81 3.88 -14.66
N VAL B 154 2.39 4.20 -13.51
CA VAL B 154 3.60 5.01 -13.50
C VAL B 154 4.77 4.20 -12.97
N LEU B 155 5.92 4.30 -13.64
CA LEU B 155 7.12 3.64 -13.20
C LEU B 155 8.23 4.68 -13.11
N THR B 156 8.84 4.79 -11.93
CA THR B 156 9.96 5.69 -11.73
C THR B 156 11.22 4.88 -11.47
N THR B 157 12.28 5.12 -12.23
CA THR B 157 13.58 4.57 -11.85
C THR B 157 14.45 5.69 -11.31
N LEU B 158 15.22 5.41 -10.27
CA LEU B 158 16.05 6.41 -9.61
C LEU B 158 17.48 5.94 -9.52
N LYS B 159 18.40 6.82 -9.90
CA LYS B 159 19.82 6.57 -9.68
C LYS B 159 20.17 7.17 -8.33
N VAL B 160 20.61 6.33 -7.40
CA VAL B 160 20.98 6.79 -6.08
C VAL B 160 22.50 6.73 -5.99
N PRO B 161 23.12 7.89 -5.73
CA PRO B 161 24.59 7.98 -5.80
C PRO B 161 25.29 7.31 -4.63
N LYS B 162 26.51 6.81 -4.89
CA LYS B 162 27.39 6.32 -3.83
C LYS B 162 27.49 7.34 -2.69
N GLY B 163 27.45 6.85 -1.46
CA GLY B 163 27.63 7.71 -0.30
C GLY B 163 26.34 8.29 0.25
N ALA B 164 25.24 8.15 -0.49
CA ALA B 164 23.95 8.67 -0.06
C ALA B 164 23.44 7.94 1.17
N HIS B 165 22.71 8.66 2.02
CA HIS B 165 21.99 7.99 3.09
C HIS B 165 20.90 7.17 2.42
N ALA B 166 20.92 5.88 2.71
CA ALA B 166 19.95 4.95 2.16
C ALA B 166 20.22 3.61 2.80
N GLY B 167 19.20 3.00 3.39
CA GLY B 167 19.39 1.73 4.07
C GLY B 167 18.55 0.61 3.46
N TYR B 168 19.14 -0.57 3.35
CA TYR B 168 18.39 -1.73 2.89
C TYR B 168 17.50 -2.26 4.01
N VAL B 169 16.25 -2.55 3.67
CA VAL B 169 15.31 -3.08 4.65
C VAL B 169 14.64 -4.37 4.14
N ASP B 170 14.10 -5.16 5.06
CA ASP B 170 13.33 -6.33 4.70
C ASP B 170 12.07 -5.91 3.97
N LYS B 171 11.78 -6.54 2.83
CA LYS B 171 10.58 -6.22 2.08
C LYS B 171 9.39 -6.83 2.82
N ILE B 172 8.27 -6.13 2.84
CA ILE B 172 7.07 -6.67 3.51
C ILE B 172 6.16 -7.40 2.53
N SER B 173 6.74 -7.85 1.41
CA SER B 173 5.99 -8.66 0.45
C SER B 173 6.58 -10.07 0.38
N GLN B 174 7.46 -10.38 1.32
CA GLN B 174 8.10 -11.69 1.49
C GLN B 174 8.55 -12.34 0.18
N LYS B 176 7.51 -11.47 -3.50
CA LYS B 176 8.50 -10.72 -4.27
C LYS B 176 9.83 -10.65 -3.50
N GLY B 177 10.77 -9.85 -4.00
CA GLY B 177 12.14 -9.82 -3.50
C GLY B 177 12.35 -9.67 -2.00
N GLN B 178 13.57 -9.97 -1.55
CA GLN B 178 13.88 -9.96 -0.13
C GLN B 178 14.03 -8.55 0.46
N TYR B 179 14.64 -7.64 -0.29
CA TYR B 179 14.98 -6.32 0.24
C TYR B 179 14.42 -5.16 -0.55
N GLU B 180 14.22 -4.04 0.13
CA GLU B 180 13.95 -2.77 -0.51
C GLU B 180 15.01 -1.78 -0.03
N LEU B 181 15.14 -0.66 -0.75
CA LEU B 181 16.06 0.38 -0.35
C LEU B 181 15.25 1.58 0.15
N LEU B 182 15.53 2.00 1.37
CA LEU B 182 14.76 3.04 2.02
C LEU B 182 15.55 4.32 2.05
N LEU B 183 14.99 5.37 1.47
CA LEU B 183 15.68 6.65 1.43
C LEU B 183 15.05 7.61 2.44
N PRO B 184 15.84 8.60 2.92
CA PRO B 184 15.31 9.60 3.85
C PRO B 184 14.06 10.33 3.34
N ARG B 185 13.27 10.82 4.28
CA ARG B 185 12.19 11.73 3.92
C ARG B 185 12.81 13.01 3.36
N ASN B 186 12.02 13.79 2.64
CA ASN B 186 12.49 14.99 1.92
C ASN B 186 13.61 14.73 0.91
N THR B 187 13.65 13.53 0.34
CA THR B 187 14.63 13.25 -0.70
C THR B 187 14.35 14.13 -1.91
N LYS B 188 15.41 14.71 -2.46
CA LYS B 188 15.28 15.56 -3.64
C LYS B 188 15.80 14.78 -4.82
N TYR B 189 15.06 14.81 -5.92
CA TYR B 189 15.48 14.10 -7.11
C TYR B 189 15.18 14.92 -8.35
N LYS B 190 16.10 14.87 -9.31
CA LYS B 190 15.93 15.58 -10.56
C LYS B 190 15.33 14.66 -11.61
N ILE B 191 14.23 15.09 -12.21
CA ILE B 191 13.63 14.28 -13.25
C ILE B 191 14.42 14.49 -14.53
N ASP B 192 15.16 13.46 -14.93
CA ASP B 192 16.07 13.55 -16.07
C ASP B 192 15.32 13.39 -17.38
N LYS B 193 14.37 12.47 -17.40
CA LYS B 193 13.65 12.16 -18.63
C LYS B 193 12.27 11.63 -18.30
N MET B 194 11.31 11.86 -19.18
CA MET B 194 9.95 11.42 -18.96
C MET B 194 9.32 11.01 -20.28
N TYR B 195 8.77 9.80 -20.35
CA TYR B 195 8.19 9.34 -21.61
C TYR B 195 7.18 8.23 -21.42
N ILE B 196 6.46 7.94 -22.50
CA ILE B 196 5.46 6.89 -22.51
C ILE B 196 6.01 5.60 -23.08
N ILE B 197 5.92 4.53 -22.32
CA ILE B 197 6.30 3.22 -22.82
C ILE B 197 5.05 2.51 -23.35
N VAL B 198 5.08 2.18 -24.64
CA VAL B 198 3.94 1.53 -25.29
C VAL B 198 4.11 0.02 -25.24
N ASN B 199 3.27 -0.65 -24.46
CA ASN B 199 3.30 -2.10 -24.32
C ASN B 199 2.20 -2.74 -25.17
N LYS B 200 2.14 -4.07 -25.16
CA LYS B 200 1.16 -4.79 -25.96
C LYS B 200 -0.28 -4.48 -25.54
N GLY B 201 -0.53 -4.32 -24.25
CA GLY B 201 -1.89 -4.11 -23.79
C GLY B 201 -2.02 -3.00 -22.77
N SER B 202 -1.07 -2.08 -22.76
CA SER B 202 -1.07 -1.00 -21.78
C SER B 202 -0.05 0.05 -22.21
N GLU B 203 -0.13 1.21 -21.57
CA GLU B 203 0.88 2.24 -21.72
C GLU B 203 1.33 2.67 -20.34
N THR B 204 2.64 2.83 -20.17
CA THR B 204 3.23 3.16 -18.89
C THR B 204 3.90 4.53 -18.93
N ILE B 205 3.64 5.36 -17.93
CA ILE B 205 4.33 6.62 -17.85
C ILE B 205 5.63 6.36 -17.13
N LYS B 206 6.74 6.62 -17.83
CA LYS B 206 8.07 6.31 -17.33
C LYS B 206 8.76 7.59 -16.86
N ILE B 207 9.26 7.56 -15.63
CA ILE B 207 10.02 8.68 -15.09
C ILE B 207 11.42 8.22 -14.73
N GLU B 208 12.43 8.88 -15.29
CA GLU B 208 13.80 8.57 -14.95
C GLU B 208 14.41 9.73 -14.16
N ALA B 209 14.92 9.45 -12.96
CA ALA B 209 15.35 10.51 -12.06
C ALA B 209 16.66 10.20 -11.36
N THR B 210 17.33 11.24 -10.88
CA THR B 210 18.58 11.09 -10.14
C THR B 210 18.46 11.75 -8.77
N VAL B 211 18.73 10.98 -7.71
CA VAL B 211 18.67 11.49 -6.35
C VAL B 211 19.79 12.50 -6.14
N GLN B 212 19.46 13.62 -5.51
CA GLN B 212 20.46 14.61 -5.13
C GLN B 212 20.94 14.34 -3.70
MG MG C . 8.46 -9.69 16.62
C1 GOL D . -14.38 -15.35 13.68
O1 GOL D . -14.51 -14.50 14.79
C2 GOL D . -13.27 -16.36 13.92
O2 GOL D . -13.56 -17.52 13.16
C3 GOL D . -11.97 -15.77 13.40
O3 GOL D . -12.30 -14.92 12.34
MG MG E . 0.81 -4.68 -20.93
C1 GOL F . 18.81 8.71 -14.64
O1 GOL F . 17.76 9.46 -15.21
C2 GOL F . 18.54 7.22 -14.84
O2 GOL F . 19.75 6.52 -14.67
C3 GOL F . 17.52 6.76 -13.81
O3 GOL F . 16.97 5.52 -14.23
#